data_2VJT
#
_entry.id   2VJT
#
_cell.length_a   164.712
_cell.length_b   164.712
_cell.length_c   64.685
_cell.angle_alpha   90.00
_cell.angle_beta   90.00
_cell.angle_gamma   120.00
#
_symmetry.space_group_name_H-M   'H 3 2'
#
loop_
_entity.id
_entity.type
_entity.pdbx_description
1 polymer 'ALLOPHYCOCYANIN ALPHA SUBUNIT'
2 polymer 'ALLOPHYCOCYANIN BETA SUBUNIT'
3 non-polymer PHYCOCYANOBILIN
4 water water
#
loop_
_entity_poly.entity_id
_entity_poly.type
_entity_poly.pdbx_seq_one_letter_code
_entity_poly.pdbx_strand_id
1 'polypeptide(L)'
;MSVLTKAIVNADAEARYLSPGELDRIKSFVASGERRLRIAQTLTEARERIVKQAGDQLFQIRPDVVSPGGNAYGEKMTAL
CLRDLDYYLRLVTYGIVAGDVTPIEEIGIIGVKEMYNSLQTPIPAVAEGVRAMKNVATSLLSGDDAAEAGFYFDYLVGAM
Q
;
A
2 'polypeptide(L)'
;MQDAITAVINNYDVQGKYLDGAALDKLKAYFTTGAVRVRAAAVISSNATTIIKEAAAKALIYSDLTRPGG(MEN)MYTTR
RYAACIRDMDYFLRYATYAMLAGDPSILDERVLNGLKETYNSLGVPIAATVGGIQAMKEVVGGLVGPDAAKEASIYFDYL
SSGLS
;
B
#
# COMPACT_ATOMS: atom_id res chain seq x y z
N SER A 2 -0.76 -3.27 0.17
CA SER A 2 -1.70 -3.57 -0.94
C SER A 2 -1.05 -4.55 -1.91
N VAL A 3 -1.60 -4.64 -3.12
CA VAL A 3 -0.88 -5.28 -4.22
C VAL A 3 0.26 -4.34 -4.63
N LEU A 4 0.02 -3.03 -4.53
CA LEU A 4 1.01 -2.03 -4.93
C LEU A 4 2.23 -2.06 -4.03
N THR A 5 1.98 -1.95 -2.73
CA THR A 5 3.02 -2.00 -1.72
C THR A 5 3.85 -3.27 -1.86
N LYS A 6 3.20 -4.41 -1.90
CA LYS A 6 3.93 -5.67 -2.03
C LYS A 6 4.84 -5.70 -3.28
N ALA A 7 4.32 -5.30 -4.44
CA ALA A 7 5.07 -5.31 -5.70
C ALA A 7 6.30 -4.41 -5.65
N ILE A 8 6.08 -3.18 -5.19
CA ILE A 8 7.11 -2.16 -5.07
C ILE A 8 8.22 -2.56 -4.09
N VAL A 9 7.86 -3.00 -2.89
CA VAL A 9 8.83 -3.41 -1.88
C VAL A 9 9.79 -4.48 -2.43
N ASN A 10 9.25 -5.41 -3.21
CA ASN A 10 10.08 -6.42 -3.84
C ASN A 10 10.95 -5.78 -4.94
N ALA A 11 10.45 -4.72 -5.55
CA ALA A 11 11.17 -4.07 -6.64
C ALA A 11 12.38 -3.33 -6.09
N ASP A 12 12.10 -2.49 -5.08
CA ASP A 12 13.09 -1.65 -4.43
C ASP A 12 14.17 -2.47 -3.76
N ALA A 13 13.76 -3.55 -3.10
CA ALA A 13 14.70 -4.48 -2.44
C ALA A 13 15.66 -5.18 -3.40
N GLU A 14 15.26 -5.36 -4.66
CA GLU A 14 16.17 -5.89 -5.68
C GLU A 14 16.73 -4.77 -6.58
N ALA A 15 16.48 -3.52 -6.19
CA ALA A 15 17.04 -2.34 -6.86
C ALA A 15 16.65 -2.26 -8.34
N ARG A 16 15.35 -2.37 -8.61
CA ARG A 16 14.89 -2.49 -9.98
C ARG A 16 13.47 -1.98 -10.19
N TYR A 17 13.17 -1.69 -11.45
CA TYR A 17 11.83 -1.37 -11.88
C TYR A 17 10.95 -2.60 -11.85
N LEU A 18 9.65 -2.36 -11.79
CA LEU A 18 8.68 -3.46 -11.78
C LEU A 18 8.74 -4.35 -13.03
N SER A 19 8.49 -5.62 -12.79
CA SER A 19 8.50 -6.69 -13.79
C SER A 19 7.23 -6.59 -14.65
N PRO A 20 7.22 -7.21 -15.84
CA PRO A 20 5.95 -7.36 -16.55
C PRO A 20 4.88 -8.00 -15.68
N GLY A 21 5.22 -9.11 -15.01
CA GLY A 21 4.31 -9.75 -14.06
C GLY A 21 3.74 -8.77 -13.03
N GLU A 22 4.60 -8.01 -12.38
CA GLU A 22 4.19 -7.10 -11.31
C GLU A 22 3.24 -6.06 -11.86
N LEU A 23 3.57 -5.52 -13.05
CA LEU A 23 2.72 -4.56 -13.78
C LEU A 23 1.34 -5.11 -14.16
N ASP A 24 1.32 -6.35 -14.65
CA ASP A 24 0.09 -7.10 -14.97
C ASP A 24 -0.88 -7.26 -13.79
N ARG A 25 -0.33 -7.57 -12.61
CA ARG A 25 -1.18 -7.81 -11.44
C ARG A 25 -1.71 -6.50 -10.93
N ILE A 26 -0.96 -5.41 -11.10
CA ILE A 26 -1.47 -4.12 -10.69
C ILE A 26 -2.67 -3.77 -11.58
N LYS A 27 -2.57 -4.15 -12.85
CA LYS A 27 -3.60 -3.85 -13.85
C LYS A 27 -4.88 -4.65 -13.61
N SER A 28 -4.71 -5.94 -13.29
CA SER A 28 -5.85 -6.82 -13.02
C SER A 28 -6.50 -6.47 -11.70
N PHE A 29 -5.66 -6.13 -10.74
CA PHE A 29 -6.12 -5.69 -9.46
C PHE A 29 -6.96 -4.45 -9.62
N VAL A 30 -6.42 -3.41 -10.24
CA VAL A 30 -7.14 -2.13 -10.33
C VAL A 30 -8.44 -2.28 -11.13
N ALA A 31 -8.50 -3.25 -12.05
CA ALA A 31 -9.71 -3.46 -12.83
C ALA A 31 -10.84 -3.99 -11.93
N SER A 32 -10.46 -4.73 -10.89
CA SER A 32 -11.39 -5.26 -9.91
C SER A 32 -11.73 -4.25 -8.79
N GLY A 33 -11.30 -3.00 -8.95
CA GLY A 33 -11.46 -2.00 -7.91
C GLY A 33 -12.89 -1.80 -7.46
N GLU A 34 -13.76 -1.50 -8.42
CA GLU A 34 -15.17 -1.19 -8.16
C GLU A 34 -15.91 -2.37 -7.52
N ARG A 35 -15.60 -3.55 -8.03
CA ARG A 35 -16.13 -4.79 -7.49
C ARG A 35 -15.69 -5.02 -6.06
N ARG A 36 -14.39 -4.94 -5.81
CA ARG A 36 -13.86 -5.04 -4.43
C ARG A 36 -14.52 -4.00 -3.50
N LEU A 37 -14.78 -2.79 -4.00
CA LEU A 37 -15.39 -1.72 -3.19
C LEU A 37 -16.85 -2.03 -2.86
N ARG A 38 -17.53 -2.65 -3.81
CA ARG A 38 -18.90 -3.13 -3.62
C ARG A 38 -18.97 -4.25 -2.56
N ILE A 39 -18.02 -5.17 -2.61
CA ILE A 39 -17.93 -6.29 -1.63
C ILE A 39 -17.76 -5.76 -0.21
N ALA A 40 -16.92 -4.73 -0.04
CA ALA A 40 -16.69 -4.08 1.27
C ALA A 40 -17.90 -3.31 1.74
N GLN A 41 -18.64 -2.73 0.79
CA GLN A 41 -19.81 -1.90 1.11
C GLN A 41 -20.92 -2.79 1.65
N THR A 42 -21.25 -3.83 0.91
CA THR A 42 -22.26 -4.76 1.32
C THR A 42 -22.02 -5.25 2.75
N LEU A 43 -20.78 -5.64 3.03
CA LEU A 43 -20.40 -6.19 4.35
C LEU A 43 -20.37 -5.12 5.43
N THR A 44 -19.84 -3.95 5.12
CA THR A 44 -19.96 -2.79 6.02
C THR A 44 -21.43 -2.52 6.32
N GLU A 45 -22.30 -2.67 5.32
CA GLU A 45 -23.71 -2.31 5.49
C GLU A 45 -24.47 -3.27 6.39
N ALA A 46 -24.00 -4.52 6.47
CA ALA A 46 -24.61 -5.54 7.31
C ALA A 46 -23.74 -5.93 8.52
N ARG A 47 -22.90 -5.04 9.04
CA ARG A 47 -21.90 -5.47 10.02
C ARG A 47 -22.52 -6.00 11.31
N GLU A 48 -23.57 -5.33 11.78
CA GLU A 48 -24.19 -5.64 13.06
C GLU A 48 -24.87 -7.02 13.00
N ARG A 49 -25.51 -7.31 11.88
CA ARG A 49 -26.11 -8.62 11.64
C ARG A 49 -25.09 -9.74 11.58
N ILE A 50 -24.02 -9.53 10.81
CA ILE A 50 -22.95 -10.52 10.65
C ILE A 50 -22.34 -10.87 12.00
N VAL A 51 -22.06 -9.86 12.82
CA VAL A 51 -21.40 -10.06 14.12
C VAL A 51 -22.34 -10.87 15.03
N LYS A 52 -23.55 -10.35 15.23
CA LYS A 52 -24.54 -11.00 16.08
C LYS A 52 -24.83 -12.45 15.70
N GLN A 53 -25.04 -12.73 14.41
CA GLN A 53 -25.35 -14.08 13.94
C GLN A 53 -24.13 -15.01 13.99
N ALA A 54 -22.95 -14.42 13.75
CA ALA A 54 -21.66 -15.09 14.01
C ALA A 54 -21.54 -15.52 15.48
N GLY A 55 -21.91 -14.60 16.37
CA GLY A 55 -21.88 -14.84 17.81
C GLY A 55 -22.82 -15.93 18.31
N ASP A 56 -24.01 -16.03 17.73
CA ASP A 56 -24.89 -17.16 18.02
C ASP A 56 -24.28 -18.45 17.47
N GLN A 57 -23.90 -18.47 16.19
CA GLN A 57 -23.28 -19.65 15.58
C GLN A 57 -22.08 -20.12 16.39
N LEU A 58 -21.32 -19.18 16.94
CA LEU A 58 -20.12 -19.53 17.73
C LEU A 58 -20.47 -20.23 19.05
N PHE A 59 -21.39 -19.65 19.82
CA PHE A 59 -21.71 -20.17 21.15
C PHE A 59 -22.48 -21.50 21.13
N GLN A 60 -23.17 -21.81 20.04
CA GLN A 60 -23.75 -23.16 19.88
C GLN A 60 -22.61 -24.16 19.70
N ILE A 61 -21.71 -23.85 18.77
CA ILE A 61 -20.62 -24.75 18.38
C ILE A 61 -19.59 -24.93 19.51
N ARG A 62 -19.43 -23.89 20.35
CA ARG A 62 -18.50 -23.91 21.48
C ARG A 62 -19.12 -23.25 22.72
N PRO A 63 -20.07 -23.93 23.39
CA PRO A 63 -20.72 -23.34 24.57
C PRO A 63 -19.79 -23.20 25.78
N ASP A 64 -18.68 -23.95 25.78
CA ASP A 64 -17.69 -23.90 26.87
C ASP A 64 -17.04 -22.54 27.14
N VAL A 65 -16.86 -21.71 26.11
CA VAL A 65 -16.31 -20.36 26.31
C VAL A 65 -17.28 -19.42 27.06
N VAL A 66 -18.59 -19.65 26.90
CA VAL A 66 -19.61 -18.95 27.70
C VAL A 66 -20.14 -19.86 28.83
N SER A 67 -19.21 -20.39 29.65
CA SER A 67 -19.53 -21.29 30.79
C SER A 67 -18.57 -20.98 31.95
N PRO A 68 -18.93 -21.38 33.19
CA PRO A 68 -18.15 -21.03 34.39
C PRO A 68 -16.66 -20.73 34.16
N GLY A 69 -15.91 -21.68 33.64
CA GLY A 69 -14.47 -21.50 33.45
C GLY A 69 -14.10 -21.12 32.03
N GLY A 70 -14.91 -20.27 31.39
CA GLY A 70 -14.71 -19.91 29.99
C GLY A 70 -14.26 -18.47 29.88
N ASN A 71 -13.45 -18.17 28.87
CA ASN A 71 -12.88 -16.83 28.72
C ASN A 71 -13.96 -15.77 28.48
N ALA A 72 -15.01 -16.15 27.76
CA ALA A 72 -16.12 -15.25 27.41
C ALA A 72 -17.38 -15.43 28.30
N TYR A 73 -17.20 -15.95 29.52
CA TYR A 73 -18.33 -16.20 30.44
C TYR A 73 -18.85 -14.92 31.09
N GLY A 74 -20.14 -14.62 30.86
CA GLY A 74 -20.78 -13.43 31.38
C GLY A 74 -21.23 -12.46 30.30
N GLU A 75 -22.02 -11.47 30.68
CA GLU A 75 -22.57 -10.49 29.73
C GLU A 75 -21.53 -9.53 29.16
N LYS A 76 -20.59 -9.07 29.98
CA LYS A 76 -19.57 -8.14 29.47
C LYS A 76 -18.29 -8.84 28.98
N MET A 77 -18.09 -10.09 29.38
CA MET A 77 -17.04 -10.93 28.76
C MET A 77 -17.51 -11.43 27.40
N THR A 78 -18.81 -11.48 27.19
CA THR A 78 -19.40 -11.76 25.88
C THR A 78 -19.44 -10.49 24.99
N ALA A 79 -19.67 -9.33 25.60
CA ALA A 79 -19.75 -8.05 24.85
C ALA A 79 -18.42 -7.74 24.17
N LEU A 80 -17.33 -7.88 24.92
CA LEU A 80 -15.96 -7.72 24.39
C LEU A 80 -15.64 -8.76 23.33
N CYS A 81 -16.16 -9.97 23.49
CA CYS A 81 -15.95 -11.02 22.49
C CYS A 81 -16.55 -10.68 21.13
N LEU A 82 -17.78 -10.12 21.10
CA LEU A 82 -18.39 -9.72 19.82
C LEU A 82 -17.68 -8.50 19.27
N ARG A 83 -17.13 -7.66 20.15
CA ARG A 83 -16.43 -6.46 19.73
C ARG A 83 -15.17 -6.85 18.96
N ASP A 84 -14.49 -7.87 19.47
CA ASP A 84 -13.36 -8.48 18.76
C ASP A 84 -13.78 -9.09 17.44
N LEU A 85 -14.97 -9.69 17.38
CA LEU A 85 -15.49 -10.18 16.10
C LEU A 85 -15.78 -9.01 15.15
N ASP A 86 -16.24 -7.87 15.68
CA ASP A 86 -16.46 -6.66 14.88
C ASP A 86 -15.12 -6.12 14.36
N TYR A 87 -14.09 -6.12 15.21
CA TYR A 87 -12.75 -5.74 14.79
C TYR A 87 -12.29 -6.54 13.56
N TYR A 88 -12.33 -7.86 13.64
CA TYR A 88 -11.82 -8.68 12.57
C TYR A 88 -12.62 -8.56 11.26
N LEU A 89 -13.94 -8.36 11.33
CA LEU A 89 -14.73 -8.12 10.11
C LEU A 89 -14.27 -6.84 9.42
N ARG A 90 -14.00 -5.80 10.23
CA ARG A 90 -13.50 -4.54 9.72
C ARG A 90 -12.18 -4.77 8.97
N LEU A 91 -11.22 -5.40 9.63
CA LEU A 91 -9.93 -5.73 8.99
C LEU A 91 -10.13 -6.54 7.71
N VAL A 92 -11.13 -7.44 7.69
CA VAL A 92 -11.40 -8.19 6.46
C VAL A 92 -11.86 -7.28 5.29
N THR A 93 -12.59 -6.21 5.61
CA THR A 93 -13.02 -5.29 4.56
C THR A 93 -11.83 -4.51 4.02
N TYR A 94 -10.90 -4.17 4.91
CA TYR A 94 -9.66 -3.47 4.55
C TYR A 94 -8.85 -4.34 3.59
N GLY A 95 -8.66 -5.61 3.95
CA GLY A 95 -7.88 -6.56 3.16
C GLY A 95 -8.42 -6.72 1.76
N ILE A 96 -9.73 -6.93 1.66
CA ILE A 96 -10.42 -7.05 0.36
C ILE A 96 -10.16 -5.82 -0.53
N VAL A 97 -10.25 -4.60 0.02
CA VAL A 97 -10.01 -3.42 -0.84
C VAL A 97 -8.52 -3.24 -1.13
N ALA A 98 -7.62 -3.70 -0.26
CA ALA A 98 -6.17 -3.63 -0.53
C ALA A 98 -5.68 -4.76 -1.46
N GLY A 99 -6.38 -5.88 -1.52
CA GLY A 99 -5.92 -6.99 -2.36
C GLY A 99 -4.75 -7.76 -1.78
N ASP A 100 -4.39 -7.49 -0.53
CA ASP A 100 -3.52 -8.39 0.23
C ASP A 100 -3.64 -8.07 1.74
N VAL A 101 -2.78 -8.68 2.54
CA VAL A 101 -2.95 -8.71 4.00
C VAL A 101 -2.11 -7.72 4.78
N THR A 102 -1.18 -7.04 4.13
CA THR A 102 -0.28 -6.13 4.84
C THR A 102 -1.05 -5.47 6.01
N PRO A 103 -2.10 -4.68 5.69
CA PRO A 103 -2.89 -4.01 6.73
C PRO A 103 -3.51 -4.96 7.76
N ILE A 104 -4.23 -5.98 7.32
CA ILE A 104 -4.80 -7.00 8.22
C ILE A 104 -3.76 -7.57 9.21
N GLU A 105 -2.52 -7.68 8.75
CA GLU A 105 -1.48 -8.41 9.45
C GLU A 105 -0.87 -7.59 10.59
N GLU A 106 -0.40 -6.39 10.25
CA GLU A 106 0.16 -5.46 11.23
C GLU A 106 -0.84 -5.03 12.31
N ILE A 107 -2.14 -5.04 11.95
CA ILE A 107 -3.15 -4.51 12.86
C ILE A 107 -3.68 -5.57 13.82
N GLY A 108 -3.74 -6.83 13.36
CA GLY A 108 -4.44 -7.87 14.10
C GLY A 108 -4.01 -9.35 14.06
N ILE A 109 -2.90 -9.70 13.41
CA ILE A 109 -2.34 -11.04 13.61
C ILE A 109 -0.93 -11.06 14.19
N ILE A 110 -0.04 -10.18 13.77
CA ILE A 110 1.30 -10.17 14.37
C ILE A 110 1.17 -9.66 15.81
N GLY A 111 1.47 -10.53 16.77
CA GLY A 111 1.31 -10.26 18.17
C GLY A 111 0.05 -10.85 18.79
N VAL A 112 -0.81 -11.46 17.99
CA VAL A 112 -2.13 -11.90 18.45
C VAL A 112 -2.05 -13.10 19.35
N LYS A 113 -1.06 -13.97 19.11
CA LYS A 113 -0.85 -15.12 19.98
C LYS A 113 -0.49 -14.64 21.38
N GLU A 114 0.46 -13.71 21.45
CA GLU A 114 0.94 -13.20 22.72
C GLU A 114 -0.15 -12.43 23.47
N MET A 115 -0.95 -11.66 22.73
CA MET A 115 -2.03 -10.90 23.35
C MET A 115 -3.04 -11.84 24.01
N TYR A 116 -3.56 -12.78 23.22
CA TYR A 116 -4.62 -13.67 23.67
C TYR A 116 -4.14 -14.69 24.70
N ASN A 117 -2.89 -15.15 24.57
CA ASN A 117 -2.29 -16.03 25.60
C ASN A 117 -2.29 -15.32 26.96
N SER A 118 -1.99 -14.02 26.96
CA SER A 118 -1.98 -13.24 28.20
C SER A 118 -3.37 -13.16 28.80
N LEU A 119 -4.33 -12.81 27.95
CA LEU A 119 -5.74 -12.74 28.35
C LEU A 119 -6.32 -14.14 28.60
N GLN A 120 -5.56 -15.17 28.21
CA GLN A 120 -5.96 -16.57 28.31
C GLN A 120 -7.18 -16.88 27.44
N THR A 121 -7.28 -16.21 26.29
CA THR A 121 -8.37 -16.45 25.34
C THR A 121 -8.03 -17.66 24.50
N PRO A 122 -8.99 -18.60 24.36
CA PRO A 122 -8.71 -19.76 23.51
C PRO A 122 -8.69 -19.36 22.04
N ILE A 123 -7.51 -19.39 21.44
CA ILE A 123 -7.28 -18.91 20.09
C ILE A 123 -8.13 -19.68 19.08
N PRO A 124 -8.13 -21.02 19.16
CA PRO A 124 -8.86 -21.75 18.11
C PRO A 124 -10.37 -21.49 18.07
N ALA A 125 -10.96 -21.01 19.17
CA ALA A 125 -12.37 -20.65 19.18
C ALA A 125 -12.57 -19.24 18.65
N VAL A 126 -11.50 -18.47 18.54
CA VAL A 126 -11.57 -17.19 17.85
C VAL A 126 -11.60 -17.47 16.35
N ALA A 127 -10.77 -18.39 15.92
CA ALA A 127 -10.80 -18.91 14.54
C ALA A 127 -12.18 -19.43 14.15
N GLU A 128 -12.90 -20.03 15.10
CA GLU A 128 -14.26 -20.49 14.82
C GLU A 128 -15.22 -19.32 14.62
N GLY A 129 -15.12 -18.31 15.49
CA GLY A 129 -15.90 -17.08 15.34
C GLY A 129 -15.75 -16.42 13.98
N VAL A 130 -14.55 -16.55 13.41
CA VAL A 130 -14.26 -16.02 12.08
C VAL A 130 -14.90 -16.88 10.97
N ARG A 131 -14.82 -18.20 11.07
CA ARG A 131 -15.55 -19.09 10.17
C ARG A 131 -17.05 -18.76 10.20
N ALA A 132 -17.59 -18.57 11.40
CA ALA A 132 -18.99 -18.20 11.55
C ALA A 132 -19.33 -16.92 10.80
N MET A 133 -18.43 -15.93 10.82
CA MET A 133 -18.64 -14.67 10.09
C MET A 133 -18.58 -14.89 8.55
N LYS A 134 -17.68 -15.77 8.13
CA LYS A 134 -17.59 -16.13 6.72
C LYS A 134 -18.96 -16.62 6.28
N ASN A 135 -19.51 -17.57 7.02
CA ASN A 135 -20.81 -18.15 6.67
C ASN A 135 -21.92 -17.10 6.50
N VAL A 136 -22.00 -16.13 7.41
CA VAL A 136 -23.02 -15.10 7.35
C VAL A 136 -22.75 -14.12 6.20
N ALA A 137 -21.57 -13.52 6.20
CA ALA A 137 -21.16 -12.56 5.17
C ALA A 137 -21.30 -13.11 3.78
N THR A 138 -20.94 -14.39 3.62
CA THR A 138 -20.93 -15.04 2.33
C THR A 138 -22.37 -15.21 1.77
N SER A 139 -23.35 -15.30 2.66
CA SER A 139 -24.76 -15.40 2.27
C SER A 139 -25.38 -14.06 1.84
N LEU A 140 -24.60 -12.97 1.87
CA LEU A 140 -25.07 -11.66 1.43
C LEU A 140 -24.35 -11.17 0.18
N LEU A 141 -23.65 -12.08 -0.51
CA LEU A 141 -22.80 -11.75 -1.66
C LEU A 141 -23.03 -12.74 -2.80
N SER A 142 -22.93 -12.26 -4.02
CA SER A 142 -22.99 -13.13 -5.19
C SER A 142 -21.88 -14.15 -5.15
N GLY A 143 -22.10 -15.28 -5.83
CA GLY A 143 -21.14 -16.40 -5.83
C GLY A 143 -19.71 -15.95 -6.01
N ASP A 144 -19.48 -15.15 -7.06
CA ASP A 144 -18.14 -14.64 -7.40
C ASP A 144 -17.55 -13.73 -6.34
N ASP A 145 -18.38 -12.85 -5.79
CA ASP A 145 -17.90 -11.93 -4.78
C ASP A 145 -17.74 -12.65 -3.46
N ALA A 146 -18.61 -13.62 -3.18
CA ALA A 146 -18.52 -14.41 -1.96
C ALA A 146 -17.19 -15.18 -1.88
N ALA A 147 -16.73 -15.75 -2.99
CA ALA A 147 -15.43 -16.42 -3.04
C ALA A 147 -14.31 -15.42 -2.79
N GLU A 148 -14.30 -14.34 -3.54
CA GLU A 148 -13.26 -13.33 -3.35
C GLU A 148 -13.14 -12.86 -1.90
N ALA A 149 -14.28 -12.66 -1.24
CA ALA A 149 -14.31 -12.33 0.20
C ALA A 149 -13.79 -13.48 1.05
N GLY A 150 -14.18 -14.70 0.67
CA GLY A 150 -13.87 -15.88 1.46
C GLY A 150 -12.40 -16.13 1.65
N PHE A 151 -11.56 -15.68 0.72
CA PHE A 151 -10.13 -15.91 0.81
C PHE A 151 -9.56 -15.17 2.01
N TYR A 152 -10.07 -13.96 2.24
CA TYR A 152 -9.58 -13.13 3.33
C TYR A 152 -10.07 -13.65 4.68
N PHE A 153 -11.27 -14.23 4.73
CA PHE A 153 -11.75 -14.86 5.96
C PHE A 153 -10.88 -16.06 6.31
N ASP A 154 -10.63 -16.92 5.31
CA ASP A 154 -9.79 -18.09 5.53
C ASP A 154 -8.33 -17.74 5.87
N TYR A 155 -7.85 -16.58 5.43
CA TYR A 155 -6.52 -16.13 5.85
C TYR A 155 -6.43 -15.88 7.34
N LEU A 156 -7.39 -15.12 7.87
CA LEU A 156 -7.41 -14.80 9.30
C LEU A 156 -7.50 -16.11 10.09
N VAL A 157 -8.44 -16.97 9.71
CA VAL A 157 -8.55 -18.34 10.27
C VAL A 157 -7.21 -19.07 10.22
N GLY A 158 -6.49 -18.88 9.12
CA GLY A 158 -5.16 -19.47 8.97
C GLY A 158 -4.11 -18.88 9.90
N ALA A 159 -4.12 -17.56 10.09
CA ALA A 159 -3.10 -16.88 10.86
C ALA A 159 -3.22 -17.16 12.35
N MET A 160 -4.44 -17.41 12.82
CA MET A 160 -4.68 -17.82 14.21
C MET A 160 -4.45 -19.32 14.35
N GLN A 161 -3.21 -19.73 14.17
CA GLN A 161 -2.88 -21.15 14.00
C GLN A 161 -1.36 -21.33 14.10
N MET B 1 6.09 2.09 4.11
CA MET B 1 5.52 3.04 3.10
C MET B 1 4.00 2.89 3.06
N GLN B 2 3.34 3.78 2.32
CA GLN B 2 1.92 3.64 2.07
C GLN B 2 1.63 4.07 0.66
N ASP B 3 0.55 3.54 0.10
CA ASP B 3 0.05 4.00 -1.19
C ASP B 3 -1.30 4.73 -1.02
N ALA B 4 -1.96 5.06 -2.12
CA ALA B 4 -3.26 5.68 -2.05
C ALA B 4 -4.16 4.87 -1.11
N ILE B 5 -4.26 3.58 -1.38
CA ILE B 5 -5.23 2.71 -0.73
C ILE B 5 -4.94 2.49 0.77
N THR B 6 -3.69 2.15 1.11
CA THR B 6 -3.32 2.00 2.52
C THR B 6 -3.30 3.35 3.27
N ALA B 7 -3.20 4.47 2.55
CA ALA B 7 -3.26 5.80 3.19
C ALA B 7 -4.63 5.97 3.82
N VAL B 8 -5.64 5.55 3.08
CA VAL B 8 -7.04 5.61 3.48
C VAL B 8 -7.32 4.58 4.59
N ILE B 9 -6.92 3.33 4.38
CA ILE B 9 -7.13 2.31 5.41
C ILE B 9 -6.55 2.69 6.79
N ASN B 10 -5.30 3.17 6.84
CA ASN B 10 -4.67 3.59 8.10
C ASN B 10 -5.32 4.86 8.71
N ASN B 11 -5.82 5.75 7.87
CA ASN B 11 -6.51 6.95 8.36
C ASN B 11 -7.84 6.58 9.05
N TYR B 12 -8.45 5.49 8.61
CA TYR B 12 -9.69 5.03 9.18
C TYR B 12 -9.44 4.08 10.35
N ASP B 13 -8.48 3.17 10.18
CA ASP B 13 -8.06 2.31 11.29
C ASP B 13 -7.78 3.04 12.62
N VAL B 14 -7.11 4.18 12.59
CA VAL B 14 -6.82 4.90 13.83
C VAL B 14 -8.09 5.44 14.49
N GLN B 15 -9.15 5.65 13.69
CA GLN B 15 -10.49 5.97 14.20
C GLN B 15 -11.36 4.71 14.40
N GLY B 16 -10.82 3.54 14.08
CA GLY B 16 -11.60 2.30 14.09
C GLY B 16 -12.90 2.32 13.29
N LYS B 17 -12.87 2.99 12.13
CA LYS B 17 -14.05 3.13 11.29
C LYS B 17 -13.99 2.17 10.14
N TYR B 18 -15.12 1.50 9.88
CA TYR B 18 -15.34 0.84 8.61
C TYR B 18 -15.30 1.90 7.52
N LEU B 19 -14.96 1.49 6.30
CA LEU B 19 -14.84 2.46 5.20
C LEU B 19 -16.22 2.95 4.89
N ASP B 20 -16.35 4.28 4.77
CA ASP B 20 -17.63 4.91 4.51
C ASP B 20 -17.63 5.49 3.09
N GLY B 21 -18.66 6.24 2.72
CA GLY B 21 -18.79 6.80 1.37
C GLY B 21 -17.66 7.69 0.89
N ALA B 22 -17.16 8.54 1.78
CA ALA B 22 -16.06 9.44 1.47
C ALA B 22 -14.80 8.65 1.18
N ALA B 23 -14.53 7.64 2.00
CA ALA B 23 -13.39 6.72 1.79
C ALA B 23 -13.50 6.01 0.48
N LEU B 24 -14.67 5.41 0.24
CA LEU B 24 -14.91 4.65 -0.99
C LEU B 24 -14.74 5.51 -2.25
N ASP B 25 -15.03 6.81 -2.13
CA ASP B 25 -14.90 7.73 -3.26
C ASP B 25 -13.44 7.99 -3.55
N LYS B 26 -12.65 8.21 -2.51
CA LYS B 26 -11.21 8.36 -2.67
C LYS B 26 -10.61 7.15 -3.37
N LEU B 27 -10.95 5.94 -2.93
CA LEU B 27 -10.32 4.72 -3.49
C LEU B 27 -10.66 4.56 -4.96
N LYS B 28 -11.89 4.90 -5.32
CA LYS B 28 -12.34 4.90 -6.71
C LYS B 28 -11.50 5.85 -7.56
N ALA B 29 -11.29 7.06 -7.03
CA ALA B 29 -10.45 8.07 -7.69
C ALA B 29 -9.02 7.57 -7.96
N TYR B 30 -8.54 6.63 -7.14
CA TYR B 30 -7.27 5.96 -7.44
C TYR B 30 -7.44 4.87 -8.49
N PHE B 31 -8.36 3.93 -8.29
CA PHE B 31 -8.52 2.77 -9.18
C PHE B 31 -8.78 3.17 -10.62
N THR B 32 -9.54 4.25 -10.77
CA THR B 32 -9.96 4.77 -12.07
C THR B 32 -8.79 5.36 -12.88
N THR B 33 -7.71 5.74 -12.21
CA THR B 33 -6.46 6.19 -12.88
C THR B 33 -5.37 5.08 -12.94
N GLY B 34 -5.65 3.90 -12.41
CA GLY B 34 -4.64 2.85 -12.28
C GLY B 34 -3.96 2.30 -13.53
N ALA B 35 -4.76 2.00 -14.56
CA ALA B 35 -4.22 1.43 -15.82
C ALA B 35 -3.20 2.37 -16.47
N VAL B 36 -3.48 3.66 -16.39
CA VAL B 36 -2.62 4.72 -16.95
C VAL B 36 -1.29 4.84 -16.22
N ARG B 37 -1.32 4.64 -14.91
CA ARG B 37 -0.09 4.64 -14.13
C ARG B 37 0.83 3.51 -14.60
N VAL B 38 0.26 2.32 -14.83
CA VAL B 38 1.04 1.16 -15.25
C VAL B 38 1.73 1.40 -16.59
N ARG B 39 0.97 1.83 -17.60
CA ARG B 39 1.54 2.16 -18.91
C ARG B 39 2.68 3.17 -18.80
N ALA B 40 2.50 4.19 -17.97
CA ALA B 40 3.52 5.22 -17.80
C ALA B 40 4.82 4.66 -17.20
N ALA B 41 4.69 3.70 -16.28
CA ALA B 41 5.84 3.11 -15.62
C ALA B 41 6.65 2.29 -16.60
N ALA B 42 5.97 1.66 -17.57
CA ALA B 42 6.61 0.79 -18.55
C ALA B 42 7.41 1.62 -19.55
N VAL B 43 6.92 2.83 -19.85
CA VAL B 43 7.64 3.79 -20.70
C VAL B 43 8.89 4.30 -19.98
N ILE B 44 8.72 4.74 -18.74
CA ILE B 44 9.86 5.24 -17.97
C ILE B 44 10.90 4.16 -17.81
N SER B 45 10.52 2.99 -17.29
CA SER B 45 11.48 1.89 -17.09
C SER B 45 12.27 1.59 -18.36
N SER B 46 11.57 1.37 -19.47
CA SER B 46 12.23 1.01 -20.73
C SER B 46 13.04 2.15 -21.41
N ASN B 47 12.88 3.40 -20.94
CA ASN B 47 13.65 4.56 -21.45
C ASN B 47 14.55 5.21 -20.41
N ALA B 48 14.52 4.64 -19.19
CA ALA B 48 15.41 4.96 -18.08
C ALA B 48 16.73 5.59 -18.50
N THR B 49 17.56 4.82 -19.19
CA THR B 49 18.91 5.27 -19.54
C THR B 49 18.95 6.52 -20.43
N THR B 50 18.03 6.60 -21.40
CA THR B 50 17.91 7.73 -22.34
C THR B 50 17.42 9.00 -21.62
N ILE B 51 16.59 8.82 -20.59
CA ILE B 51 16.04 9.95 -19.85
C ILE B 51 17.15 10.59 -19.04
N ILE B 52 17.98 9.74 -18.42
CA ILE B 52 19.11 10.24 -17.65
C ILE B 52 20.08 10.98 -18.59
N LYS B 53 20.48 10.32 -19.67
CA LYS B 53 21.34 10.90 -20.72
C LYS B 53 20.84 12.28 -21.22
N GLU B 54 19.55 12.39 -21.55
CA GLU B 54 19.00 13.67 -22.06
C GLU B 54 18.87 14.72 -20.94
N ALA B 55 18.55 14.28 -19.72
CA ALA B 55 18.47 15.17 -18.55
C ALA B 55 19.84 15.72 -18.13
N ALA B 56 20.85 14.87 -18.18
CA ALA B 56 22.22 15.30 -17.86
C ALA B 56 22.71 16.28 -18.92
N ALA B 57 22.44 15.96 -20.19
CA ALA B 57 22.84 16.79 -21.31
C ALA B 57 22.22 18.19 -21.26
N LYS B 58 20.99 18.31 -20.77
CA LYS B 58 20.35 19.63 -20.73
C LYS B 58 20.70 20.42 -19.47
N ALA B 59 21.00 19.72 -18.37
CA ALA B 59 21.08 20.34 -17.05
C ALA B 59 22.37 20.13 -16.24
N LEU B 60 23.29 19.28 -16.67
CA LEU B 60 24.50 19.01 -15.83
C LEU B 60 25.84 19.16 -16.56
N ILE B 61 26.11 18.30 -17.54
CA ILE B 61 27.39 18.31 -18.28
C ILE B 61 27.60 19.54 -19.23
N TYR B 62 28.76 19.57 -19.90
CA TYR B 62 29.20 20.72 -20.73
C TYR B 62 29.32 21.97 -19.88
N SER B 63 29.89 21.83 -18.69
CA SER B 63 29.81 22.88 -17.69
C SER B 63 30.97 22.81 -16.73
N ASP B 64 31.00 23.77 -15.79
CA ASP B 64 31.98 23.80 -14.73
C ASP B 64 31.79 22.61 -13.78
N LEU B 65 30.57 22.09 -13.70
CA LEU B 65 30.31 20.93 -12.83
C LEU B 65 31.18 19.73 -13.20
N THR B 66 31.36 19.49 -14.49
CA THR B 66 32.18 18.37 -14.98
C THR B 66 33.64 18.71 -15.15
N ARG B 67 34.02 19.95 -14.88
CA ARG B 67 35.43 20.35 -15.01
C ARG B 67 36.15 20.26 -13.67
N PRO B 68 37.50 20.19 -13.69
CA PRO B 68 38.27 20.20 -12.45
C PRO B 68 37.76 21.28 -11.50
N GLY B 69 37.57 20.91 -10.23
CA GLY B 69 36.98 21.80 -9.24
C GLY B 69 35.50 21.60 -9.11
N GLY B 70 34.89 20.91 -10.08
CA GLY B 70 33.46 20.65 -10.08
C GLY B 70 33.13 19.35 -9.40
N MET B 72 31.09 16.95 -10.17
CA MET B 72 30.95 15.74 -10.98
C MET B 72 32.18 15.56 -11.88
N TYR B 73 33.28 16.16 -11.46
CA TYR B 73 34.60 15.85 -12.01
C TYR B 73 35.15 14.56 -11.39
N THR B 74 35.84 13.79 -12.23
CA THR B 74 36.31 12.42 -11.96
C THR B 74 35.24 11.40 -12.37
N THR B 75 35.67 10.31 -12.97
CA THR B 75 34.76 9.26 -13.44
C THR B 75 34.00 8.67 -12.25
N ARG B 76 34.67 8.63 -11.10
CA ARG B 76 34.09 8.21 -9.84
C ARG B 76 32.82 8.99 -9.51
N ARG B 77 32.93 10.31 -9.52
CA ARG B 77 31.83 11.19 -9.11
C ARG B 77 30.78 11.37 -10.17
N TYR B 78 31.20 11.31 -11.44
CA TYR B 78 30.25 11.35 -12.56
C TYR B 78 29.36 10.13 -12.46
N ALA B 79 29.96 8.98 -12.17
CA ALA B 79 29.25 7.71 -11.97
C ALA B 79 28.30 7.77 -10.77
N ALA B 80 28.73 8.42 -9.69
CA ALA B 80 27.91 8.53 -8.48
C ALA B 80 26.70 9.41 -8.76
N CYS B 81 26.90 10.44 -9.55
CA CYS B 81 25.84 11.40 -9.85
C CYS B 81 24.75 10.81 -10.72
N ILE B 82 25.12 10.08 -11.78
CA ILE B 82 24.10 9.50 -12.63
C ILE B 82 23.51 8.26 -11.99
N ARG B 83 24.25 7.66 -11.06
CA ARG B 83 23.70 6.63 -10.19
C ARG B 83 22.56 7.22 -9.37
N ASP B 84 22.80 8.38 -8.78
CA ASP B 84 21.79 9.05 -7.98
C ASP B 84 20.57 9.29 -8.89
N MET B 85 20.82 9.90 -10.04
CA MET B 85 19.76 10.21 -11.00
C MET B 85 18.88 9.00 -11.22
N ASP B 86 19.48 7.82 -11.43
CA ASP B 86 18.67 6.61 -11.58
C ASP B 86 17.80 6.31 -10.37
N TYR B 87 18.31 6.54 -9.15
CA TYR B 87 17.48 6.40 -7.95
C TYR B 87 16.24 7.26 -8.03
N PHE B 88 16.45 8.55 -8.26
CA PHE B 88 15.35 9.50 -8.34
C PHE B 88 14.31 9.01 -9.34
N LEU B 89 14.73 8.78 -10.58
CA LEU B 89 13.81 8.32 -11.60
C LEU B 89 13.02 7.08 -11.14
N ARG B 90 13.74 6.11 -10.59
CA ARG B 90 13.15 4.83 -10.23
C ARG B 90 12.14 4.99 -9.09
N TYR B 91 12.49 5.75 -8.07
CA TYR B 91 11.61 5.95 -6.93
C TYR B 91 10.41 6.81 -7.29
N ALA B 92 10.62 7.86 -8.09
CA ALA B 92 9.49 8.67 -8.55
C ALA B 92 8.47 7.77 -9.27
N THR B 93 8.98 6.77 -10.00
CA THR B 93 8.12 5.80 -10.70
C THR B 93 7.34 4.92 -9.71
N TYR B 94 7.98 4.55 -8.60
CA TYR B 94 7.30 3.90 -7.50
C TYR B 94 6.20 4.86 -6.93
N ALA B 95 6.58 6.08 -6.53
CA ALA B 95 5.60 7.02 -5.95
C ALA B 95 4.39 7.20 -6.84
N MET B 96 4.62 7.42 -8.14
CA MET B 96 3.54 7.57 -9.10
C MET B 96 2.67 6.31 -9.25
N LEU B 97 3.26 5.13 -9.21
CA LEU B 97 2.44 3.91 -9.22
C LEU B 97 1.60 3.83 -7.96
N ALA B 98 2.22 4.10 -6.81
CA ALA B 98 1.52 4.00 -5.54
C ALA B 98 0.48 5.12 -5.39
N GLY B 99 0.67 6.22 -6.10
CA GLY B 99 -0.17 7.39 -5.93
C GLY B 99 -0.02 7.98 -4.54
N ASP B 100 1.19 7.91 -4.00
CA ASP B 100 1.51 8.43 -2.69
C ASP B 100 3.01 8.74 -2.61
N PRO B 101 3.36 9.94 -2.10
CA PRO B 101 4.76 10.35 -1.99
C PRO B 101 5.50 9.81 -0.77
N SER B 102 4.82 9.10 0.12
CA SER B 102 5.42 8.67 1.39
C SER B 102 6.75 7.91 1.20
N ILE B 103 6.84 7.06 0.18
CA ILE B 103 8.10 6.37 -0.12
C ILE B 103 9.25 7.33 -0.46
N LEU B 104 8.94 8.46 -1.09
CA LEU B 104 10.00 9.42 -1.40
C LEU B 104 10.61 10.03 -0.12
N ASP B 105 9.80 10.12 0.95
CA ASP B 105 10.29 10.59 2.26
C ASP B 105 11.08 9.57 3.06
N GLU B 106 10.53 8.37 3.11
CA GLU B 106 11.07 7.28 3.90
C GLU B 106 12.41 6.81 3.36
N ARG B 107 12.52 6.70 2.05
CA ARG B 107 13.69 6.02 1.46
C ARG B 107 14.59 6.89 0.59
N VAL B 108 14.25 8.16 0.40
CA VAL B 108 15.04 9.05 -0.44
C VAL B 108 15.37 10.39 0.24
N LEU B 109 14.38 11.15 0.67
CA LEU B 109 14.66 12.49 1.21
C LEU B 109 15.28 12.51 2.62
N ASN B 110 14.89 11.56 3.49
CA ASN B 110 15.30 11.61 4.91
C ASN B 110 16.83 11.68 5.10
N GLY B 111 17.31 12.83 5.56
CA GLY B 111 18.73 13.07 5.79
C GLY B 111 19.54 13.49 4.56
N LEU B 112 18.91 13.50 3.39
CA LEU B 112 19.65 13.67 2.14
C LEU B 112 20.19 15.08 1.95
N LYS B 113 19.42 16.08 2.36
CA LYS B 113 19.83 17.48 2.32
C LYS B 113 21.17 17.68 3.06
N GLU B 114 21.28 17.10 4.24
CA GLU B 114 22.48 17.26 5.08
C GLU B 114 23.63 16.39 4.58
N THR B 115 23.30 15.21 4.07
CA THR B 115 24.28 14.34 3.40
C THR B 115 24.97 15.07 2.26
N TYR B 116 24.18 15.80 1.48
CA TYR B 116 24.71 16.59 0.37
C TYR B 116 25.52 17.81 0.86
N ASN B 117 25.03 18.48 1.89
CA ASN B 117 25.82 19.54 2.55
C ASN B 117 27.16 19.02 3.07
N SER B 118 27.18 17.81 3.62
CA SER B 118 28.39 17.23 4.22
C SER B 118 29.43 16.79 3.19
N LEU B 119 28.98 16.37 2.02
CA LEU B 119 29.89 15.95 0.95
C LEU B 119 30.26 17.12 0.04
N GLY B 120 29.45 18.17 0.09
CA GLY B 120 29.61 19.33 -0.79
C GLY B 120 28.75 19.26 -2.05
N VAL B 121 27.88 18.27 -2.14
CA VAL B 121 27.09 18.04 -3.36
C VAL B 121 26.15 19.23 -3.61
N PRO B 122 26.25 19.86 -4.80
CA PRO B 122 25.47 21.05 -5.10
C PRO B 122 23.97 20.75 -5.25
N ILE B 123 23.18 21.30 -4.33
CA ILE B 123 21.75 21.03 -4.25
C ILE B 123 20.97 21.60 -5.45
N ALA B 124 21.22 22.86 -5.78
CA ALA B 124 20.48 23.55 -6.85
C ALA B 124 20.68 22.83 -8.18
N ALA B 125 21.92 22.39 -8.41
CA ALA B 125 22.29 21.66 -9.63
C ALA B 125 21.58 20.30 -9.71
N THR B 126 21.36 19.68 -8.56
CA THR B 126 20.69 18.38 -8.47
C THR B 126 19.20 18.52 -8.76
N VAL B 127 18.59 19.61 -8.27
CA VAL B 127 17.19 19.92 -8.56
C VAL B 127 16.96 20.08 -10.05
N GLY B 128 17.86 20.79 -10.74
CA GLY B 128 17.78 20.95 -12.20
C GLY B 128 17.88 19.62 -12.93
N GLY B 129 18.68 18.72 -12.37
CA GLY B 129 18.77 17.36 -12.88
C GLY B 129 17.47 16.60 -12.69
N ILE B 130 16.74 16.92 -11.61
CA ILE B 130 15.44 16.30 -11.38
C ILE B 130 14.41 16.89 -12.34
N GLN B 131 14.33 18.21 -12.43
CA GLN B 131 13.34 18.89 -13.27
C GLN B 131 13.59 18.73 -14.78
N ALA B 132 14.79 18.30 -15.16
CA ALA B 132 15.08 17.96 -16.57
C ALA B 132 14.57 16.57 -16.91
N MET B 133 14.78 15.61 -16.01
CA MET B 133 14.19 14.27 -16.16
C MET B 133 12.65 14.30 -16.22
N LYS B 134 12.03 15.15 -15.38
CA LYS B 134 10.58 15.38 -15.46
C LYS B 134 10.14 15.84 -16.87
N GLU B 135 10.80 16.88 -17.38
CA GLU B 135 10.58 17.40 -18.74
C GLU B 135 10.63 16.25 -19.76
N VAL B 136 11.67 15.43 -19.72
CA VAL B 136 11.76 14.32 -20.67
C VAL B 136 10.62 13.33 -20.43
N VAL B 137 10.41 12.94 -19.18
CA VAL B 137 9.36 11.98 -18.84
C VAL B 137 7.98 12.41 -19.39
N GLY B 138 7.64 13.68 -19.21
CA GLY B 138 6.34 14.22 -19.61
C GLY B 138 6.08 14.19 -21.11
N GLY B 139 7.14 14.19 -21.90
CA GLY B 139 7.03 13.99 -23.33
C GLY B 139 6.74 12.54 -23.63
N LEU B 140 7.57 11.65 -23.09
CA LEU B 140 7.49 10.21 -23.39
C LEU B 140 6.17 9.54 -22.95
N VAL B 141 5.62 9.90 -21.80
CA VAL B 141 4.41 9.23 -21.26
C VAL B 141 3.06 9.73 -21.81
N GLY B 142 3.02 10.94 -22.36
CA GLY B 142 1.82 11.47 -23.03
C GLY B 142 0.73 12.07 -22.14
N PRO B 143 -0.25 12.78 -22.75
CA PRO B 143 -1.39 13.43 -22.07
C PRO B 143 -1.96 12.66 -20.87
N ASP B 144 -2.24 11.37 -21.07
CA ASP B 144 -2.79 10.47 -20.05
C ASP B 144 -2.11 10.61 -18.70
N ALA B 145 -0.78 10.59 -18.71
CA ALA B 145 0.02 10.39 -17.52
C ALA B 145 0.92 11.57 -17.15
N ALA B 146 1.03 12.58 -17.99
CA ALA B 146 2.02 13.64 -17.79
C ALA B 146 1.96 14.33 -16.43
N LYS B 147 0.77 14.73 -16.00
CA LYS B 147 0.58 15.50 -14.75
C LYS B 147 0.88 14.64 -13.54
N GLU B 148 0.48 13.38 -13.62
CA GLU B 148 0.62 12.46 -12.51
C GLU B 148 2.08 12.06 -12.26
N ALA B 149 2.84 11.80 -13.33
CA ALA B 149 4.27 11.54 -13.19
C ALA B 149 4.96 12.80 -12.63
N SER B 150 4.66 13.93 -13.24
CA SER B 150 5.32 15.18 -12.91
C SER B 150 5.35 15.53 -11.42
N ILE B 151 4.26 15.31 -10.69
CA ILE B 151 4.15 15.76 -9.29
C ILE B 151 5.19 15.15 -8.35
N TYR B 152 5.58 13.90 -8.59
CA TYR B 152 6.52 13.21 -7.70
C TYR B 152 7.98 13.61 -7.98
N PHE B 153 8.25 14.09 -9.20
CA PHE B 153 9.50 14.80 -9.49
C PHE B 153 9.52 16.16 -8.78
N ASP B 154 8.38 16.85 -8.77
CA ASP B 154 8.27 18.10 -8.04
C ASP B 154 8.31 17.87 -6.53
N TYR B 155 7.85 16.71 -6.07
CA TYR B 155 7.94 16.39 -4.64
C TYR B 155 9.40 16.24 -4.23
N LEU B 156 10.12 15.46 -5.03
CA LEU B 156 11.55 15.28 -4.85
C LEU B 156 12.31 16.58 -4.76
N SER B 157 12.00 17.53 -5.65
CA SER B 157 12.84 18.73 -5.81
C SER B 157 12.60 19.83 -4.76
N SER B 158 11.37 19.92 -4.26
CA SER B 158 11.08 20.82 -3.14
C SER B 158 11.44 20.14 -1.81
N GLY B 159 11.69 18.83 -1.84
CA GLY B 159 12.24 18.13 -0.67
C GLY B 159 13.71 18.45 -0.40
N LEU B 160 14.47 18.81 -1.43
CA LEU B 160 15.87 19.19 -1.26
C LEU B 160 16.04 20.68 -0.97
N SER B 161 15.39 21.52 -1.76
CA SER B 161 15.41 22.97 -1.51
C SER B 161 14.58 23.31 -0.27
#